data_1TOA
#
_entry.id   1TOA
#
_cell.length_a   126.200
_cell.length_b   126.200
_cell.length_c   74.480
_cell.angle_alpha   90.00
_cell.angle_beta   90.00
_cell.angle_gamma   120.00
#
_symmetry.space_group_name_H-M   'P 61'
#
loop_
_entity.id
_entity.type
_entity.pdbx_description
1 polymer 'PROTEIN (PERIPLASMIC BINDING PROTEIN TROA)'
2 non-polymer 'ZINC ION'
3 non-polymer GLYCEROL
4 water water
#
_entity_poly.entity_id   1
_entity_poly.type   'polypeptide(L)'
_entity_poly.pdbx_seq_one_letter_code
;SYYHHHHHHDYDIPTTENLYFQGAMGSFGSKDAAADGKPLVVTTIGMIADAVKNIAQGDVHLKGLMGPGVDPHLYTATAG
DVEWLGNADLILYNGLHLETKMGEVFSKLRGSRLVVAVSETIPVSQRLSLEEAEFDPHVWFDVKLWSYSVKAVYESLCKL
LPGKTREFTQRYQAYQQQLDKLDAYVRRKAQSLPAERRVLVTAHDAFGYFSRAYGFEVKGLQGVSTASEASAHDMQELAA
FIAQRKLPAIFIESSIPHKNVEALRDAVQARGHVVQIGGELFSDAMGDAGTSEGTYVGMVTHNIDTIVAALAR
;
_entity_poly.pdbx_strand_id   A,B
#
loop_
_chem_comp.id
_chem_comp.type
_chem_comp.name
_chem_comp.formula
GOL non-polymer GLYCEROL 'C3 H8 O3'
ZN non-polymer 'ZINC ION' 'Zn 2'
#
# COMPACT_ATOMS: atom_id res chain seq x y z
N GLY A 37 -14.74 2.17 25.80
CA GLY A 37 -13.86 3.37 25.62
C GLY A 37 -13.62 3.60 24.14
N LYS A 38 -13.07 4.76 23.79
CA LYS A 38 -12.81 5.08 22.40
C LYS A 38 -11.47 4.53 21.93
N PRO A 39 -11.38 4.11 20.67
CA PRO A 39 -10.11 3.59 20.18
C PRO A 39 -9.05 4.70 20.00
N LEU A 40 -7.77 4.31 20.02
CA LEU A 40 -6.66 5.24 19.83
C LEU A 40 -6.08 5.11 18.42
N VAL A 41 -6.01 6.23 17.73
CA VAL A 41 -5.43 6.30 16.39
C VAL A 41 -4.13 7.09 16.51
N VAL A 42 -3.02 6.52 16.04
CA VAL A 42 -1.72 7.19 16.08
C VAL A 42 -1.29 7.46 14.62
N THR A 43 -0.90 8.69 14.35
CA THR A 43 -0.47 9.11 13.01
C THR A 43 0.96 9.67 13.05
N THR A 44 1.58 9.74 11.88
CA THR A 44 2.93 10.28 11.79
C THR A 44 2.83 11.78 11.42
N ILE A 45 2.68 12.08 10.13
CA ILE A 45 2.61 13.48 9.67
C ILE A 45 1.29 14.14 9.99
N GLY A 46 1.36 15.45 10.25
CA GLY A 46 0.18 16.22 10.58
C GLY A 46 -0.92 16.23 9.54
N MET A 47 -0.55 16.11 8.26
CA MET A 47 -1.52 16.10 7.16
C MET A 47 -2.48 14.93 7.32
N ILE A 48 -1.97 13.81 7.82
CA ILE A 48 -2.77 12.64 8.04
C ILE A 48 -3.64 12.85 9.29
N ALA A 49 -3.05 13.42 10.35
CA ALA A 49 -3.80 13.70 11.58
C ALA A 49 -4.99 14.61 11.26
N ASP A 50 -4.78 15.54 10.33
CA ASP A 50 -5.84 16.48 9.94
C ASP A 50 -7.03 15.74 9.36
N ALA A 51 -6.76 14.71 8.54
CA ALA A 51 -7.84 13.92 7.94
C ALA A 51 -8.59 13.15 9.04
N VAL A 52 -7.85 12.61 10.01
CA VAL A 52 -8.49 11.88 11.12
C VAL A 52 -9.39 12.82 11.93
N LYS A 53 -8.91 14.03 12.19
CA LYS A 53 -9.68 15.03 12.96
C LYS A 53 -11.00 15.35 12.28
N ASN A 54 -10.95 15.56 10.98
CA ASN A 54 -12.14 15.90 10.22
C ASN A 54 -13.12 14.77 10.01
N ILE A 55 -12.63 13.55 9.85
CA ILE A 55 -13.50 12.40 9.62
C ILE A 55 -14.01 11.76 10.91
N ALA A 56 -13.10 11.50 11.86
CA ALA A 56 -13.45 10.85 13.13
C ALA A 56 -13.85 11.82 14.24
N GLN A 57 -13.37 13.06 14.17
CA GLN A 57 -13.70 14.07 15.19
C GLN A 57 -13.44 13.47 16.57
N GLY A 58 -14.40 13.63 17.50
CA GLY A 58 -14.18 13.11 18.83
C GLY A 58 -14.47 11.63 19.04
N ASP A 59 -14.75 10.89 17.97
CA ASP A 59 -15.06 9.47 18.11
C ASP A 59 -13.85 8.58 18.37
N VAL A 60 -12.65 9.15 18.30
CA VAL A 60 -11.42 8.41 18.56
C VAL A 60 -10.47 9.34 19.30
N HIS A 61 -9.48 8.76 19.97
CA HIS A 61 -8.41 9.52 20.61
C HIS A 61 -7.34 9.59 19.51
N LEU A 62 -6.82 10.78 19.24
CA LEU A 62 -5.81 10.95 18.20
C LEU A 62 -4.49 11.45 18.76
N LYS A 63 -3.41 10.76 18.38
CA LYS A 63 -2.07 11.14 18.79
C LYS A 63 -1.20 11.27 17.53
N GLY A 64 -0.73 12.48 17.25
CA GLY A 64 0.14 12.71 16.11
C GLY A 64 1.57 12.71 16.61
N LEU A 65 2.43 11.88 16.06
CA LEU A 65 3.83 11.80 16.49
C LEU A 65 4.74 12.94 16.01
N MET A 66 4.41 13.53 14.87
CA MET A 66 5.24 14.59 14.30
C MET A 66 4.47 15.88 14.17
N GLY A 67 4.86 16.89 14.94
CA GLY A 67 4.17 18.16 14.88
C GLY A 67 4.88 19.17 14.00
N PRO A 68 4.54 20.46 14.15
CA PRO A 68 5.14 21.55 13.38
C PRO A 68 6.67 21.50 13.41
N GLY A 69 7.30 21.76 12.27
CA GLY A 69 8.75 21.76 12.21
C GLY A 69 9.47 20.42 12.17
N VAL A 70 8.72 19.32 12.29
CA VAL A 70 9.34 17.99 12.28
C VAL A 70 9.60 17.47 10.86
N ASP A 71 10.83 16.99 10.63
CA ASP A 71 11.23 16.45 9.34
C ASP A 71 10.98 14.92 9.41
N PRO A 72 9.99 14.41 8.66
CA PRO A 72 9.67 12.99 8.67
C PRO A 72 10.73 12.05 8.10
N HIS A 73 11.55 12.57 7.18
CA HIS A 73 12.63 11.78 6.58
C HIS A 73 13.68 11.41 7.61
N LEU A 74 13.95 12.35 8.51
CA LEU A 74 14.99 12.19 9.54
C LEU A 74 14.49 11.75 10.92
N TYR A 75 13.17 11.74 11.10
CA TYR A 75 12.59 11.39 12.38
C TYR A 75 12.81 10.00 12.96
N THR A 76 13.28 9.97 14.20
CA THR A 76 13.50 8.73 14.94
C THR A 76 12.44 8.64 16.03
N ALA A 77 11.70 7.53 16.05
CA ALA A 77 10.67 7.31 17.06
C ALA A 77 11.31 7.26 18.46
N THR A 78 10.78 8.06 19.37
CA THR A 78 11.25 8.09 20.76
C THR A 78 10.61 6.91 21.52
N ALA A 79 11.08 6.65 22.73
CA ALA A 79 10.55 5.57 23.54
C ALA A 79 9.06 5.85 23.79
N GLY A 80 8.74 7.11 24.08
CA GLY A 80 7.37 7.51 24.30
C GLY A 80 6.53 7.23 23.06
N ASP A 81 7.08 7.52 21.89
CA ASP A 81 6.40 7.28 20.62
C ASP A 81 6.05 5.80 20.45
N VAL A 82 7.01 4.94 20.76
CA VAL A 82 6.83 3.50 20.62
C VAL A 82 5.76 2.98 21.58
N GLU A 83 5.60 3.68 22.71
CA GLU A 83 4.58 3.34 23.71
C GLU A 83 3.22 3.64 23.12
N TRP A 84 3.08 4.86 22.60
CA TRP A 84 1.84 5.28 21.96
C TRP A 84 1.49 4.32 20.83
N LEU A 85 2.47 4.02 19.99
CA LEU A 85 2.27 3.12 18.86
C LEU A 85 1.85 1.71 19.30
N GLY A 86 2.43 1.25 20.41
CA GLY A 86 2.10 -0.07 20.93
C GLY A 86 0.71 -0.19 21.56
N ASN A 87 0.09 0.96 21.83
CA ASN A 87 -1.26 0.99 22.41
C ASN A 87 -2.31 1.41 21.40
N ALA A 88 -1.88 1.71 20.18
CA ALA A 88 -2.81 2.15 19.16
C ALA A 88 -3.65 1.04 18.58
N ASP A 89 -4.90 1.36 18.29
CA ASP A 89 -5.80 0.41 17.66
C ASP A 89 -5.67 0.56 16.14
N LEU A 90 -5.26 1.75 15.70
CA LEU A 90 -5.06 2.04 14.29
C LEU A 90 -3.85 2.97 14.13
N ILE A 91 -2.91 2.57 13.28
CA ILE A 91 -1.73 3.36 13.00
C ILE A 91 -1.82 3.77 11.54
N LEU A 92 -1.72 5.07 11.30
CA LEU A 92 -1.79 5.61 9.95
C LEU A 92 -0.51 6.38 9.64
N TYR A 93 0.17 5.98 8.58
CA TYR A 93 1.38 6.68 8.17
C TYR A 93 1.32 6.86 6.65
N ASN A 94 2.22 7.67 6.11
CA ASN A 94 2.22 7.94 4.68
C ASN A 94 2.63 6.76 3.80
N GLY A 95 3.78 6.17 4.13
CA GLY A 95 4.29 5.10 3.30
C GLY A 95 5.15 5.76 2.22
N LEU A 96 5.42 5.03 1.13
CA LEU A 96 6.25 5.54 0.05
C LEU A 96 7.63 5.93 0.59
N HIS A 97 8.02 5.26 1.67
CA HIS A 97 9.29 5.48 2.34
C HIS A 97 9.52 6.93 2.77
N LEU A 98 8.46 7.62 3.21
CA LEU A 98 8.60 8.99 3.71
C LEU A 98 9.29 8.94 5.08
N GLU A 99 8.75 8.12 5.96
CA GLU A 99 9.24 7.95 7.31
C GLU A 99 10.38 6.93 7.25
N THR A 100 11.51 7.34 6.68
CA THR A 100 12.64 6.45 6.45
C THR A 100 13.21 5.69 7.64
N LYS A 101 12.96 6.18 8.85
CA LYS A 101 13.49 5.53 10.06
C LYS A 101 12.48 4.77 10.91
N MET A 102 11.25 4.68 10.42
CA MET A 102 10.19 4.02 11.19
C MET A 102 9.67 2.72 10.62
N GLY A 103 10.29 2.25 9.54
CA GLY A 103 9.85 1.02 8.90
C GLY A 103 9.80 -0.18 9.83
N GLU A 104 10.89 -0.41 10.57
CA GLU A 104 10.95 -1.53 11.50
C GLU A 104 9.93 -1.40 12.60
N VAL A 105 9.79 -0.20 13.13
CA VAL A 105 8.82 0.06 14.18
C VAL A 105 7.44 -0.40 13.69
N PHE A 106 7.06 0.04 12.49
CA PHE A 106 5.77 -0.33 11.90
C PHE A 106 5.66 -1.83 11.60
N SER A 107 6.75 -2.42 11.12
CA SER A 107 6.84 -3.84 10.78
C SER A 107 6.46 -4.73 11.96
N LYS A 108 7.06 -4.44 13.09
CA LYS A 108 6.85 -5.20 14.30
C LYS A 108 5.46 -5.04 14.90
N LEU A 109 4.71 -4.01 14.49
CA LEU A 109 3.37 -3.77 15.01
C LEU A 109 2.24 -4.38 14.20
N ARG A 110 2.52 -4.79 12.97
CA ARG A 110 1.49 -5.42 12.15
C ARG A 110 1.16 -6.79 12.72
N GLY A 111 -0.10 -7.19 12.59
CA GLY A 111 -0.52 -8.48 13.12
C GLY A 111 -1.26 -8.33 14.43
N SER A 112 -1.01 -7.23 15.14
CA SER A 112 -1.68 -6.99 16.41
C SER A 112 -2.65 -5.81 16.37
N ARG A 113 -2.67 -5.08 15.26
CA ARG A 113 -3.55 -3.92 15.11
C ARG A 113 -3.56 -3.54 13.64
N LEU A 114 -4.50 -2.67 13.25
CA LEU A 114 -4.55 -2.21 11.87
C LEU A 114 -3.43 -1.15 11.67
N VAL A 115 -2.59 -1.37 10.67
CA VAL A 115 -1.48 -0.47 10.34
C VAL A 115 -1.64 -0.20 8.85
N VAL A 116 -1.86 1.07 8.48
CA VAL A 116 -2.10 1.42 7.09
C VAL A 116 -1.23 2.54 6.55
N ALA A 117 -0.50 2.25 5.47
CA ALA A 117 0.33 3.23 4.78
C ALA A 117 -0.69 3.81 3.79
N VAL A 118 -1.34 4.90 4.19
CA VAL A 118 -2.39 5.50 3.39
C VAL A 118 -2.04 5.84 1.95
N SER A 119 -0.83 6.34 1.71
CA SER A 119 -0.45 6.71 0.35
C SER A 119 -0.04 5.55 -0.56
N GLU A 120 0.07 4.35 0.02
CA GLU A 120 0.39 3.20 -0.79
C GLU A 120 -0.87 2.65 -1.49
N THR A 121 -2.01 3.32 -1.29
CA THR A 121 -3.25 2.94 -1.97
C THR A 121 -3.32 3.73 -3.27
N ILE A 122 -2.37 4.66 -3.48
CA ILE A 122 -2.31 5.44 -4.72
C ILE A 122 -1.73 4.50 -5.78
N PRO A 123 -2.41 4.36 -6.94
CA PRO A 123 -1.93 3.48 -8.02
C PRO A 123 -0.48 3.77 -8.37
N VAL A 124 0.31 2.71 -8.57
CA VAL A 124 1.72 2.84 -8.88
C VAL A 124 1.96 3.77 -10.06
N SER A 125 1.08 3.71 -11.07
CA SER A 125 1.23 4.54 -12.27
C SER A 125 1.17 6.04 -11.96
N GLN A 126 0.47 6.41 -10.89
CA GLN A 126 0.35 7.81 -10.52
C GLN A 126 1.45 8.33 -9.59
N ARG A 127 2.31 7.42 -9.12
CA ARG A 127 3.43 7.81 -8.26
C ARG A 127 4.59 8.28 -9.14
N LEU A 128 5.39 9.20 -8.60
CA LEU A 128 6.55 9.69 -9.32
C LEU A 128 7.73 8.81 -8.89
N SER A 129 8.32 8.14 -9.87
CA SER A 129 9.45 7.25 -9.63
C SER A 129 10.75 8.04 -9.74
N LEU A 130 11.64 7.87 -8.76
CA LEU A 130 12.92 8.57 -8.76
C LEU A 130 14.01 7.64 -9.29
N GLU A 131 14.38 7.83 -10.55
CA GLU A 131 15.42 7.02 -11.19
C GLU A 131 15.15 5.51 -11.13
N GLU A 132 13.86 5.14 -11.09
CA GLU A 132 13.42 3.74 -11.01
C GLU A 132 13.95 3.05 -9.76
N ALA A 133 14.25 3.82 -8.71
CA ALA A 133 14.80 3.26 -7.46
C ALA A 133 14.10 3.71 -6.18
N GLU A 134 13.02 4.48 -6.32
CA GLU A 134 12.27 4.97 -5.17
C GLU A 134 11.08 5.75 -5.68
N PHE A 135 10.08 5.93 -4.83
CA PHE A 135 8.93 6.74 -5.19
C PHE A 135 9.01 8.04 -4.42
N ASP A 136 8.55 9.13 -5.03
CA ASP A 136 8.50 10.43 -4.36
C ASP A 136 7.33 10.29 -3.38
N PRO A 137 7.55 10.56 -2.09
CA PRO A 137 6.47 10.44 -1.11
C PRO A 137 5.53 11.66 -0.93
N HIS A 138 5.89 12.81 -1.49
CA HIS A 138 5.13 14.05 -1.29
C HIS A 138 3.82 14.20 -2.04
N VAL A 139 3.01 13.17 -1.98
CA VAL A 139 1.73 13.14 -2.67
C VAL A 139 0.69 14.16 -2.22
N TRP A 140 0.86 14.72 -1.02
CA TRP A 140 -0.12 15.67 -0.49
C TRP A 140 -0.14 17.01 -1.23
N PHE A 141 0.83 17.25 -2.11
CA PHE A 141 0.83 18.50 -2.87
C PHE A 141 0.10 18.48 -4.23
N ASP A 142 -0.57 17.37 -4.51
CA ASP A 142 -1.46 17.25 -5.66
C ASP A 142 -2.73 16.89 -4.90
N VAL A 143 -3.57 17.89 -4.64
CA VAL A 143 -4.77 17.69 -3.84
C VAL A 143 -5.66 16.56 -4.33
N LYS A 144 -5.74 16.39 -5.63
CA LYS A 144 -6.58 15.33 -6.19
C LYS A 144 -5.97 13.95 -5.87
N LEU A 145 -4.66 13.84 -5.95
CA LEU A 145 -3.97 12.60 -5.64
C LEU A 145 -4.10 12.31 -4.16
N TRP A 146 -3.99 13.35 -3.34
CA TRP A 146 -4.10 13.21 -1.89
C TRP A 146 -5.47 12.66 -1.49
N SER A 147 -6.48 12.80 -2.35
CA SER A 147 -7.82 12.30 -2.03
C SER A 147 -7.80 10.78 -1.86
N TYR A 148 -6.83 10.10 -2.47
CA TYR A 148 -6.72 8.65 -2.29
C TYR A 148 -6.33 8.37 -0.84
N SER A 149 -5.35 9.13 -0.35
CA SER A 149 -4.87 8.96 1.02
C SER A 149 -5.95 9.28 2.02
N VAL A 150 -6.68 10.36 1.77
CA VAL A 150 -7.79 10.77 2.65
C VAL A 150 -8.87 9.69 2.66
N LYS A 151 -9.14 9.10 1.48
CA LYS A 151 -10.11 8.02 1.38
C LYS A 151 -9.65 6.81 2.20
N ALA A 152 -8.34 6.54 2.20
CA ALA A 152 -7.79 5.43 2.98
C ALA A 152 -7.98 5.68 4.47
N VAL A 153 -7.81 6.93 4.90
CA VAL A 153 -7.98 7.30 6.32
C VAL A 153 -9.44 7.04 6.70
N TYR A 154 -10.35 7.53 5.87
CA TYR A 154 -11.80 7.35 6.07
C TYR A 154 -12.16 5.86 6.15
N GLU A 155 -11.72 5.08 5.17
CA GLU A 155 -12.01 3.66 5.12
C GLU A 155 -11.41 2.85 6.27
N SER A 156 -10.22 3.26 6.73
CA SER A 156 -9.55 2.60 7.86
C SER A 156 -10.36 2.90 9.13
N LEU A 157 -10.86 4.12 9.26
CA LEU A 157 -11.64 4.49 10.43
C LEU A 157 -12.94 3.69 10.47
N CYS A 158 -13.53 3.43 9.30
CA CYS A 158 -14.77 2.64 9.22
C CYS A 158 -14.51 1.19 9.64
N LYS A 159 -13.30 0.69 9.37
CA LYS A 159 -12.95 -0.68 9.78
C LYS A 159 -12.80 -0.70 11.30
N LEU A 160 -12.23 0.38 11.84
CA LEU A 160 -12.01 0.52 13.27
C LEU A 160 -13.32 0.62 14.05
N LEU A 161 -14.26 1.44 13.54
CA LEU A 161 -15.56 1.64 14.20
C LEU A 161 -16.66 1.54 13.16
N PRO A 162 -17.03 0.30 12.76
CA PRO A 162 -18.08 0.08 11.77
C PRO A 162 -19.42 0.71 12.17
N GLY A 163 -19.66 0.79 13.48
CA GLY A 163 -20.89 1.37 13.99
C GLY A 163 -20.99 2.86 13.74
N LYS A 164 -19.87 3.49 13.39
CA LYS A 164 -19.82 4.92 13.11
C LYS A 164 -19.72 5.23 11.60
N THR A 165 -19.89 4.23 10.76
CA THR A 165 -19.80 4.40 9.31
C THR A 165 -20.60 5.56 8.73
N ARG A 166 -21.83 5.76 9.20
CA ARG A 166 -22.67 6.83 8.66
C ARG A 166 -22.14 8.23 8.93
N GLU A 167 -21.81 8.53 10.18
CA GLU A 167 -21.27 9.85 10.49
C GLU A 167 -19.89 10.06 9.86
N PHE A 168 -19.08 9.00 9.85
CA PHE A 168 -17.75 9.07 9.22
C PHE A 168 -17.95 9.43 7.74
N THR A 169 -18.95 8.82 7.10
CA THR A 169 -19.24 9.08 5.70
C THR A 169 -19.70 10.51 5.46
N GLN A 170 -20.55 11.03 6.35
CA GLN A 170 -21.02 12.41 6.20
C GLN A 170 -19.85 13.39 6.34
N ARG A 171 -19.02 13.19 7.36
CA ARG A 171 -17.90 14.07 7.62
C ARG A 171 -16.86 13.97 6.51
N TYR A 172 -16.61 12.75 6.04
CA TYR A 172 -15.66 12.51 4.95
C TYR A 172 -16.11 13.20 3.66
N GLN A 173 -17.40 13.07 3.31
CA GLN A 173 -17.91 13.72 2.10
C GLN A 173 -17.78 15.25 2.17
N ALA A 174 -17.98 15.81 3.36
CA ALA A 174 -17.88 17.25 3.56
C ALA A 174 -16.42 17.66 3.40
N TYR A 175 -15.53 16.92 4.03
CA TYR A 175 -14.08 17.17 3.96
C TYR A 175 -13.57 17.05 2.51
N GLN A 176 -14.04 16.04 1.78
CA GLN A 176 -13.62 15.85 0.41
C GLN A 176 -14.08 17.02 -0.48
N GLN A 177 -15.24 17.62 -0.14
CA GLN A 177 -15.72 18.77 -0.90
C GLN A 177 -14.79 19.95 -0.68
N GLN A 178 -14.28 20.09 0.54
CA GLN A 178 -13.34 21.16 0.87
C GLN A 178 -12.08 20.96 0.03
N LEU A 179 -11.63 19.71 -0.06
CA LEU A 179 -10.44 19.39 -0.85
C LEU A 179 -10.67 19.68 -2.33
N ASP A 180 -11.87 19.40 -2.83
CA ASP A 180 -12.20 19.67 -4.24
C ASP A 180 -12.07 21.17 -4.48
N LYS A 181 -12.61 21.95 -3.56
CA LYS A 181 -12.53 23.41 -3.66
C LYS A 181 -11.07 23.88 -3.56
N LEU A 182 -10.30 23.22 -2.70
CA LEU A 182 -8.89 23.59 -2.53
C LEU A 182 -8.14 23.35 -3.84
N ASP A 183 -8.37 22.20 -4.46
CA ASP A 183 -7.70 21.85 -5.72
C ASP A 183 -7.99 22.90 -6.79
N ALA A 184 -9.26 23.25 -6.95
CA ALA A 184 -9.70 24.27 -7.91
C ALA A 184 -9.06 25.63 -7.59
N TYR A 185 -8.98 25.98 -6.32
CA TYR A 185 -8.38 27.24 -5.90
C TYR A 185 -6.91 27.32 -6.24
N VAL A 186 -6.16 26.26 -5.90
CA VAL A 186 -4.72 26.22 -6.18
C VAL A 186 -4.47 26.35 -7.67
N ARG A 187 -5.32 25.68 -8.45
CA ARG A 187 -5.19 25.72 -9.90
C ARG A 187 -5.44 27.12 -10.48
N ARG A 188 -6.42 27.85 -9.91
CA ARG A 188 -6.72 29.21 -10.38
C ARG A 188 -5.57 30.13 -10.03
N LYS A 189 -5.10 30.03 -8.79
CA LYS A 189 -3.99 30.85 -8.33
C LYS A 189 -2.75 30.61 -9.18
N ALA A 190 -2.52 29.34 -9.53
CA ALA A 190 -1.37 28.97 -10.34
C ALA A 190 -1.50 29.58 -11.74
N GLN A 191 -2.69 29.46 -12.33
CA GLN A 191 -2.95 30.00 -13.66
C GLN A 191 -2.92 31.52 -13.71
N SER A 192 -3.02 32.17 -12.55
CA SER A 192 -3.00 33.63 -12.46
C SER A 192 -1.57 34.16 -12.58
N LEU A 193 -0.60 33.26 -12.49
CA LEU A 193 0.80 33.62 -12.58
C LEU A 193 1.26 33.32 -14.02
N PRO A 194 2.04 34.24 -14.63
CA PRO A 194 2.52 34.02 -16.00
C PRO A 194 3.31 32.71 -16.05
N ALA A 195 3.08 31.92 -17.09
CA ALA A 195 3.74 30.61 -17.26
C ALA A 195 5.24 30.66 -17.03
N GLU A 196 5.88 31.72 -17.52
CA GLU A 196 7.33 31.92 -17.39
C GLU A 196 7.77 32.09 -15.96
N ARG A 197 6.86 32.58 -15.13
CA ARG A 197 7.16 32.84 -13.74
C ARG A 197 6.91 31.65 -12.80
N ARG A 198 6.34 30.58 -13.34
CA ARG A 198 6.04 29.38 -12.54
C ARG A 198 7.26 28.48 -12.32
N VAL A 199 8.31 29.03 -11.73
CA VAL A 199 9.53 28.29 -11.42
C VAL A 199 9.73 28.41 -9.91
N LEU A 200 9.59 27.27 -9.22
CA LEU A 200 9.68 27.18 -7.78
C LEU A 200 10.93 26.50 -7.21
N VAL A 201 11.79 27.28 -6.54
CA VAL A 201 13.00 26.73 -5.93
C VAL A 201 12.82 26.82 -4.40
N THR A 202 12.96 25.67 -3.72
CA THR A 202 12.76 25.58 -2.29
C THR A 202 13.89 24.87 -1.52
N ALA A 203 13.73 24.75 -0.20
CA ALA A 203 14.72 24.11 0.67
C ALA A 203 15.03 22.67 0.27
N HIS A 204 14.01 21.92 -0.12
CA HIS A 204 14.22 20.56 -0.62
C HIS A 204 13.17 20.22 -1.69
N ASP A 205 13.44 19.18 -2.45
CA ASP A 205 12.60 18.77 -3.56
C ASP A 205 11.31 18.07 -3.11
N ALA A 206 10.40 18.83 -2.51
CA ALA A 206 9.14 18.31 -1.99
C ALA A 206 7.93 18.64 -2.83
N PHE A 207 8.12 19.36 -3.92
CA PHE A 207 6.99 19.78 -4.74
C PHE A 207 6.87 19.14 -6.13
N GLY A 208 7.36 17.91 -6.25
CA GLY A 208 7.29 17.19 -7.51
C GLY A 208 5.85 16.93 -7.95
N TYR A 209 4.95 16.60 -7.02
CA TYR A 209 3.56 16.37 -7.37
C TYR A 209 2.85 17.68 -7.65
N PHE A 210 3.28 18.73 -6.95
CA PHE A 210 2.74 20.09 -7.11
C PHE A 210 3.12 20.55 -8.53
N SER A 211 4.35 20.25 -8.92
CA SER A 211 4.86 20.60 -10.24
C SER A 211 3.97 20.03 -11.35
N ARG A 212 3.70 18.72 -11.27
CA ARG A 212 2.89 18.04 -12.26
C ARG A 212 1.42 18.48 -12.27
N ALA A 213 0.84 18.65 -11.09
CA ALA A 213 -0.57 19.02 -11.00
C ALA A 213 -0.89 20.45 -11.36
N TYR A 214 0.00 21.39 -11.00
CA TYR A 214 -0.29 22.81 -11.22
C TYR A 214 0.57 23.61 -12.21
N GLY A 215 1.43 22.91 -12.95
CA GLY A 215 2.26 23.56 -13.95
C GLY A 215 3.44 24.40 -13.51
N PHE A 216 4.19 23.90 -12.53
CA PHE A 216 5.39 24.59 -12.03
C PHE A 216 6.63 23.78 -12.37
N GLU A 217 7.73 24.49 -12.53
CA GLU A 217 9.02 23.86 -12.76
C GLU A 217 9.61 23.93 -11.35
N VAL A 218 10.06 22.80 -10.80
CA VAL A 218 10.57 22.81 -9.43
C VAL A 218 11.97 22.29 -9.23
N LYS A 219 12.66 22.84 -8.23
CA LYS A 219 14.02 22.45 -7.85
C LYS A 219 14.16 22.65 -6.35
N GLY A 220 14.92 21.78 -5.70
CA GLY A 220 15.14 21.92 -4.27
C GLY A 220 16.63 21.90 -4.01
N LEU A 221 17.08 22.59 -2.97
CA LEU A 221 18.51 22.59 -2.62
C LEU A 221 18.85 21.17 -2.17
N GLN A 222 18.12 20.63 -1.21
CA GLN A 222 18.33 19.24 -0.80
C GLN A 222 17.43 18.40 -1.73
N GLY A 223 17.63 17.08 -1.76
CA GLY A 223 16.83 16.23 -2.63
C GLY A 223 15.41 15.97 -2.16
N VAL A 224 14.82 14.90 -2.69
CA VAL A 224 13.47 14.49 -2.32
C VAL A 224 13.50 14.11 -0.84
N SER A 225 14.61 13.52 -0.40
CA SER A 225 14.82 13.19 0.99
C SER A 225 15.87 14.15 1.55
N THR A 226 15.75 14.48 2.83
CA THR A 226 16.67 15.38 3.48
C THR A 226 17.78 14.61 4.22
N ALA A 227 17.84 13.29 4.02
CA ALA A 227 18.84 12.43 4.68
C ALA A 227 20.30 12.90 4.52
N SER A 228 20.58 13.58 3.40
CA SER A 228 21.91 14.11 3.10
C SER A 228 21.83 15.58 2.75
N GLU A 229 22.87 16.34 3.09
CA GLU A 229 22.91 17.76 2.78
C GLU A 229 23.25 17.90 1.29
N ALA A 230 23.01 19.07 0.74
CA ALA A 230 23.35 19.32 -0.66
C ALA A 230 24.87 19.50 -0.66
N SER A 231 25.55 18.96 -1.66
CA SER A 231 27.00 19.12 -1.73
C SER A 231 27.32 20.53 -2.25
N ALA A 232 28.58 20.94 -2.14
CA ALA A 232 29.00 22.26 -2.62
C ALA A 232 28.68 22.39 -4.10
N HIS A 233 28.81 21.27 -4.81
CA HIS A 233 28.51 21.20 -6.24
C HIS A 233 27.02 21.46 -6.48
N ASP A 234 26.16 20.74 -5.74
CA ASP A 234 24.72 20.88 -5.84
C ASP A 234 24.32 22.34 -5.67
N MET A 235 24.95 23.01 -4.71
CA MET A 235 24.63 24.40 -4.47
C MET A 235 25.05 25.33 -5.60
N GLN A 236 26.21 25.09 -6.19
CA GLN A 236 26.65 25.95 -7.28
C GLN A 236 25.78 25.77 -8.51
N GLU A 237 25.36 24.53 -8.76
CA GLU A 237 24.49 24.23 -9.89
C GLU A 237 23.14 24.90 -9.74
N LEU A 238 22.58 24.89 -8.53
CA LEU A 238 21.29 25.52 -8.32
C LEU A 238 21.41 27.06 -8.31
N ALA A 239 22.55 27.56 -7.83
CA ALA A 239 22.81 29.00 -7.82
C ALA A 239 22.90 29.47 -9.28
N ALA A 240 23.58 28.67 -10.11
CA ALA A 240 23.72 28.97 -11.53
C ALA A 240 22.32 28.96 -12.16
N PHE A 241 21.53 27.93 -11.84
CA PHE A 241 20.17 27.83 -12.35
C PHE A 241 19.35 29.08 -12.00
N ILE A 242 19.41 29.51 -10.74
CA ILE A 242 18.66 30.68 -10.27
C ILE A 242 19.10 31.97 -10.95
N ALA A 243 20.41 32.14 -11.11
CA ALA A 243 20.97 33.34 -11.74
C ALA A 243 20.67 33.40 -13.23
N GLN A 244 20.89 32.28 -13.92
CA GLN A 244 20.66 32.21 -15.36
C GLN A 244 19.19 32.35 -15.71
N ARG A 245 18.30 31.81 -14.88
CA ARG A 245 16.86 31.92 -15.13
C ARG A 245 16.30 33.25 -14.59
N LYS A 246 17.15 34.02 -13.90
CA LYS A 246 16.76 35.33 -13.36
C LYS A 246 15.49 35.29 -12.48
N LEU A 247 15.39 34.29 -11.61
CA LEU A 247 14.22 34.14 -10.75
C LEU A 247 14.11 35.25 -9.70
N PRO A 248 12.88 35.73 -9.46
CA PRO A 248 12.65 36.80 -8.48
C PRO A 248 12.85 36.36 -7.03
N ALA A 249 12.38 35.14 -6.71
CA ALA A 249 12.50 34.63 -5.34
C ALA A 249 12.67 33.12 -5.22
N ILE A 250 13.20 32.71 -4.08
CA ILE A 250 13.38 31.30 -3.71
C ILE A 250 12.77 31.19 -2.30
N PHE A 251 12.49 29.97 -1.84
CA PHE A 251 11.83 29.83 -0.55
C PHE A 251 12.48 28.94 0.50
N ILE A 252 12.25 29.31 1.76
CA ILE A 252 12.74 28.54 2.89
C ILE A 252 11.54 27.69 3.32
N GLU A 253 11.79 26.70 4.17
CA GLU A 253 10.73 25.82 4.64
C GLU A 253 10.72 25.72 6.17
N SER A 254 9.58 25.32 6.72
CA SER A 254 9.41 25.23 8.16
C SER A 254 10.06 24.04 8.85
N SER A 255 10.59 23.10 8.07
CA SER A 255 11.21 21.90 8.63
C SER A 255 12.68 21.71 8.28
N ILE A 256 13.26 22.70 7.62
CA ILE A 256 14.68 22.66 7.27
C ILE A 256 15.27 24.00 7.70
N PRO A 257 16.42 23.99 8.37
CA PRO A 257 17.06 25.25 8.82
C PRO A 257 17.24 26.20 7.64
N HIS A 258 16.88 27.47 7.85
CA HIS A 258 16.96 28.52 6.84
C HIS A 258 18.34 28.82 6.31
N LYS A 259 19.33 28.53 7.15
CA LYS A 259 20.75 28.73 6.88
C LYS A 259 21.16 28.35 5.45
N ASN A 260 20.77 27.16 5.00
CA ASN A 260 21.15 26.69 3.68
C ASN A 260 20.59 27.43 2.49
N VAL A 261 19.29 27.73 2.50
CA VAL A 261 18.70 28.47 1.38
C VAL A 261 19.24 29.90 1.40
N GLU A 262 19.57 30.40 2.59
CA GLU A 262 20.14 31.75 2.71
C GLU A 262 21.54 31.76 2.09
N ALA A 263 22.30 30.69 2.32
CA ALA A 263 23.64 30.55 1.76
C ALA A 263 23.51 30.43 0.23
N LEU A 264 22.42 29.81 -0.22
CA LEU A 264 22.15 29.65 -1.65
C LEU A 264 21.89 31.03 -2.27
N ARG A 265 21.03 31.82 -1.64
CA ARG A 265 20.70 33.17 -2.10
C ARG A 265 21.99 34.00 -2.25
N ASP A 266 22.94 33.79 -1.33
CA ASP A 266 24.22 34.49 -1.35
C ASP A 266 25.03 34.07 -2.57
N ALA A 267 25.04 32.77 -2.86
CA ALA A 267 25.78 32.23 -4.01
C ALA A 267 25.24 32.80 -5.31
N VAL A 268 23.91 33.03 -5.35
CA VAL A 268 23.25 33.62 -6.51
C VAL A 268 23.68 35.07 -6.70
N GLN A 269 23.85 35.80 -5.58
CA GLN A 269 24.27 37.20 -5.64
C GLN A 269 25.73 37.31 -6.08
N ALA A 270 26.58 36.36 -5.66
CA ALA A 270 27.98 36.34 -6.04
C ALA A 270 28.10 36.02 -7.54
N ARG A 271 26.96 35.76 -8.18
CA ARG A 271 26.89 35.46 -9.62
C ARG A 271 26.23 36.59 -10.40
N GLY A 272 26.10 37.74 -9.77
CA GLY A 272 25.50 38.89 -10.42
C GLY A 272 23.98 38.95 -10.43
N HIS A 273 23.31 38.10 -9.67
CA HIS A 273 21.86 38.16 -9.64
C HIS A 273 21.32 38.28 -8.24
N VAL A 274 20.36 39.18 -8.08
CA VAL A 274 19.75 39.43 -6.79
C VAL A 274 18.39 38.76 -6.70
N VAL A 275 18.33 37.74 -5.84
CA VAL A 275 17.12 36.97 -5.61
C VAL A 275 16.76 37.14 -4.13
N GLN A 276 15.48 37.29 -3.84
CA GLN A 276 15.09 37.44 -2.45
C GLN A 276 14.41 36.15 -1.97
N ILE A 277 14.33 36.00 -0.67
CA ILE A 277 13.68 34.85 -0.05
C ILE A 277 12.22 35.27 0.03
N GLY A 278 11.40 34.68 -0.82
CA GLY A 278 9.99 35.01 -0.93
C GLY A 278 9.02 34.63 0.17
N GLY A 279 9.48 33.87 1.15
CA GLY A 279 8.59 33.46 2.22
C GLY A 279 8.97 32.07 2.68
N GLU A 280 8.27 31.59 3.69
CA GLU A 280 8.52 30.26 4.23
C GLU A 280 7.33 29.38 3.86
N LEU A 281 7.64 28.20 3.32
CA LEU A 281 6.62 27.25 2.93
C LEU A 281 6.56 26.05 3.87
N PHE A 282 5.40 25.41 3.91
CA PHE A 282 5.20 24.21 4.71
C PHE A 282 5.39 23.05 3.71
N SER A 283 6.48 22.29 3.84
CA SER A 283 6.72 21.18 2.94
C SER A 283 6.32 19.83 3.55
N ASP A 284 7.02 19.42 4.60
CA ASP A 284 6.74 18.15 5.27
C ASP A 284 5.89 18.26 6.54
N ALA A 285 5.67 19.48 7.01
CA ALA A 285 4.89 19.69 8.23
C ALA A 285 3.98 20.90 8.10
N MET A 286 2.94 20.92 8.92
CA MET A 286 1.99 22.02 8.91
C MET A 286 2.34 23.08 9.96
N GLY A 287 1.54 24.14 10.00
CA GLY A 287 1.76 25.20 10.96
C GLY A 287 1.27 24.83 12.35
N ASP A 288 1.33 25.80 13.26
CA ASP A 288 0.93 25.59 14.65
C ASP A 288 -0.55 25.31 14.84
N ALA A 289 -0.87 24.58 15.91
CA ALA A 289 -2.24 24.26 16.24
C ALA A 289 -3.02 25.55 16.52
N GLY A 290 -4.30 25.56 16.12
CA GLY A 290 -5.12 26.74 16.32
C GLY A 290 -5.10 27.68 15.14
N THR A 291 -4.03 27.66 14.34
CA THR A 291 -3.94 28.53 13.18
C THR A 291 -4.46 27.79 11.95
N SER A 292 -4.87 28.53 10.92
CA SER A 292 -5.38 27.90 9.72
C SER A 292 -4.26 27.10 9.04
N GLU A 293 -3.02 27.57 9.22
CA GLU A 293 -1.85 26.90 8.65
C GLU A 293 -1.63 25.55 9.34
N GLY A 294 -2.28 25.35 10.47
CA GLY A 294 -2.20 24.10 11.19
C GLY A 294 -3.23 23.09 10.70
N THR A 295 -3.81 23.34 9.53
CA THR A 295 -4.78 22.43 8.92
C THR A 295 -4.23 22.15 7.52
N TYR A 296 -4.67 21.05 6.91
CA TYR A 296 -4.19 20.70 5.57
C TYR A 296 -4.61 21.75 4.56
N VAL A 297 -5.89 22.13 4.58
CA VAL A 297 -6.38 23.13 3.65
C VAL A 297 -5.65 24.48 3.81
N GLY A 298 -5.41 24.88 5.06
CA GLY A 298 -4.72 26.12 5.34
C GLY A 298 -3.25 26.10 4.98
N MET A 299 -2.63 24.92 5.14
CA MET A 299 -1.21 24.72 4.82
C MET A 299 -1.00 24.94 3.32
N VAL A 300 -1.82 24.26 2.51
CA VAL A 300 -1.73 24.35 1.06
C VAL A 300 -2.09 25.76 0.59
N THR A 301 -3.14 26.34 1.18
CA THR A 301 -3.56 27.68 0.80
C THR A 301 -2.43 28.68 1.06
N HIS A 302 -1.79 28.55 2.22
CA HIS A 302 -0.66 29.41 2.57
C HIS A 302 0.44 29.28 1.52
N ASN A 303 0.79 28.04 1.18
CA ASN A 303 1.84 27.81 0.19
C ASN A 303 1.57 28.46 -1.17
N ILE A 304 0.41 28.21 -1.76
CA ILE A 304 0.11 28.79 -3.07
C ILE A 304 0.04 30.32 -3.04
N ASP A 305 -0.54 30.88 -1.98
CA ASP A 305 -0.63 32.35 -1.82
C ASP A 305 0.75 32.97 -1.71
N THR A 306 1.59 32.35 -0.87
CA THR A 306 2.96 32.80 -0.65
C THR A 306 3.78 32.73 -1.94
N ILE A 307 3.66 31.61 -2.66
CA ILE A 307 4.41 31.42 -3.91
C ILE A 307 3.98 32.44 -4.96
N VAL A 308 2.69 32.51 -5.24
CA VAL A 308 2.17 33.43 -6.23
C VAL A 308 2.53 34.88 -5.92
N ALA A 309 2.40 35.30 -4.67
CA ALA A 309 2.73 36.67 -4.28
C ALA A 309 4.20 36.99 -4.53
N ALA A 310 5.09 36.05 -4.23
CA ALA A 310 6.52 36.26 -4.42
C ALA A 310 6.98 36.17 -5.87
N LEU A 311 6.34 35.30 -6.65
CA LEU A 311 6.73 35.11 -8.05
C LEU A 311 6.11 36.09 -9.06
N ALA A 312 4.99 36.72 -8.68
CA ALA A 312 4.30 37.66 -9.55
C ALA A 312 5.01 39.00 -9.83
N ARG A 313 4.32 39.85 -10.61
CA ARG A 313 4.76 41.18 -11.06
C ARG A 313 5.58 41.20 -12.37
N GLY B 37 22.02 -4.74 -19.63
CA GLY B 37 21.41 -6.05 -19.23
C GLY B 37 19.96 -5.83 -18.79
N LYS B 38 19.26 -6.93 -18.54
CA LYS B 38 17.86 -6.86 -18.12
C LYS B 38 17.73 -6.72 -16.61
N PRO B 39 16.70 -5.99 -16.14
CA PRO B 39 16.54 -5.82 -14.69
C PRO B 39 16.06 -7.12 -14.02
N LEU B 40 16.33 -7.24 -12.72
CA LEU B 40 15.92 -8.40 -11.94
C LEU B 40 14.70 -8.07 -11.06
N VAL B 41 13.64 -8.85 -11.20
CA VAL B 41 12.41 -8.70 -10.42
C VAL B 41 12.34 -9.90 -9.47
N VAL B 42 12.19 -9.63 -8.17
CA VAL B 42 12.08 -10.69 -7.18
C VAL B 42 10.67 -10.63 -6.55
N THR B 43 9.99 -11.77 -6.54
CA THR B 43 8.63 -11.88 -6.01
C THR B 43 8.58 -12.90 -4.87
N THR B 44 7.52 -12.82 -4.07
CA THR B 44 7.34 -13.75 -2.96
C THR B 44 6.45 -14.90 -3.43
N ILE B 45 5.14 -14.71 -3.41
CA ILE B 45 4.20 -15.76 -3.82
C ILE B 45 4.15 -15.98 -5.33
N GLY B 46 3.93 -17.22 -5.73
CA GLY B 46 3.87 -17.58 -7.14
C GLY B 46 2.80 -16.89 -7.95
N MET B 47 1.68 -16.52 -7.31
CA MET B 47 0.60 -15.84 -8.00
C MET B 47 1.09 -14.50 -8.57
N ILE B 48 2.00 -13.86 -7.83
CA ILE B 48 2.58 -12.59 -8.27
C ILE B 48 3.59 -12.86 -9.38
N ALA B 49 4.42 -13.91 -9.21
CA ALA B 49 5.40 -14.26 -10.23
C ALA B 49 4.68 -14.54 -11.55
N ASP B 50 3.49 -15.15 -11.47
CA ASP B 50 2.71 -15.47 -12.68
C ASP B 50 2.34 -14.21 -13.46
N ALA B 51 1.96 -13.16 -12.74
CA ALA B 51 1.61 -11.88 -13.36
C ALA B 51 2.86 -11.28 -14.04
N VAL B 52 4.02 -11.38 -13.38
CA VAL B 52 5.26 -10.85 -13.97
C VAL B 52 5.62 -11.63 -15.25
N LYS B 53 5.47 -12.96 -15.23
CA LYS B 53 5.77 -13.77 -16.41
C LYS B 53 4.91 -13.36 -17.60
N ASN B 54 3.62 -13.18 -17.37
CA ASN B 54 2.69 -12.81 -18.44
C ASN B 54 2.83 -11.40 -18.96
N ILE B 55 3.17 -10.46 -18.10
CA ILE B 55 3.29 -9.06 -18.50
C ILE B 55 4.69 -8.69 -19.01
N ALA B 56 5.72 -9.11 -18.30
CA ALA B 56 7.11 -8.81 -18.68
C ALA B 56 7.76 -9.84 -19.58
N GLN B 57 7.27 -11.09 -19.52
CA GLN B 57 7.84 -12.18 -20.31
C GLN B 57 9.36 -12.20 -20.16
N GLY B 58 10.09 -12.28 -21.27
CA GLY B 58 11.53 -12.32 -21.18
C GLY B 58 12.25 -10.99 -21.02
N ASP B 59 11.51 -9.90 -20.84
CA ASP B 59 12.12 -8.58 -20.70
C ASP B 59 12.79 -8.30 -19.36
N VAL B 60 12.60 -9.21 -18.40
CA VAL B 60 13.21 -9.09 -17.08
C VAL B 60 13.62 -10.48 -16.62
N HIS B 61 14.52 -10.53 -15.65
CA HIS B 61 14.93 -11.79 -15.03
C HIS B 61 13.96 -11.88 -13.84
N LEU B 62 13.33 -13.03 -13.66
CA LEU B 62 12.38 -13.22 -12.58
C LEU B 62 12.81 -14.30 -11.60
N LYS B 63 12.80 -13.97 -10.32
CA LYS B 63 13.14 -14.91 -9.27
C LYS B 63 12.00 -14.93 -8.26
N GLY B 64 11.35 -16.09 -8.12
CA GLY B 64 10.27 -16.25 -7.15
C GLY B 64 10.85 -16.91 -5.91
N LEU B 65 10.68 -16.29 -4.73
CA LEU B 65 11.22 -16.86 -3.50
C LEU B 65 10.44 -18.03 -2.90
N MET B 66 9.14 -18.08 -3.17
CA MET B 66 8.28 -19.12 -2.61
C MET B 66 7.64 -19.94 -3.72
N GLY B 67 8.00 -21.22 -3.81
CA GLY B 67 7.44 -22.06 -4.83
C GLY B 67 6.32 -22.94 -4.32
N PRO B 68 5.97 -24.00 -5.07
CA PRO B 68 4.91 -24.94 -4.69
C PRO B 68 5.08 -25.47 -3.27
N GLY B 69 3.98 -25.56 -2.54
CA GLY B 69 4.01 -26.06 -1.18
C GLY B 69 4.51 -25.13 -0.09
N VAL B 70 4.98 -23.94 -0.46
CA VAL B 70 5.49 -22.99 0.54
C VAL B 70 4.39 -22.16 1.20
N ASP B 71 4.43 -22.11 2.53
CA ASP B 71 3.46 -21.35 3.32
C ASP B 71 4.07 -19.94 3.56
N PRO B 72 3.49 -18.90 2.94
CA PRO B 72 3.98 -17.53 3.07
C PRO B 72 3.88 -16.94 4.48
N HIS B 73 2.88 -17.38 5.25
CA HIS B 73 2.70 -16.88 6.61
C HIS B 73 3.87 -17.28 7.51
N LEU B 74 4.37 -18.48 7.29
CA LEU B 74 5.47 -19.04 8.10
C LEU B 74 6.87 -18.91 7.51
N TYR B 75 6.94 -18.46 6.26
CA TYR B 75 8.21 -18.35 5.56
C TYR B 75 9.23 -17.39 6.17
N THR B 76 10.32 -17.97 6.65
CA THR B 76 11.42 -17.21 7.24
C THR B 76 12.44 -17.05 6.11
N ALA B 77 12.64 -15.81 5.67
CA ALA B 77 13.61 -15.51 4.62
C ALA B 77 15.01 -15.95 5.05
N THR B 78 15.69 -16.68 4.17
CA THR B 78 17.04 -17.19 4.41
C THR B 78 18.09 -16.14 4.03
N ALA B 79 19.36 -16.40 4.37
CA ALA B 79 20.43 -15.44 3.99
C ALA B 79 20.48 -15.39 2.45
N GLY B 80 20.29 -16.53 1.79
CA GLY B 80 20.31 -16.55 0.34
C GLY B 80 19.17 -15.72 -0.24
N ASP B 81 18.01 -15.73 0.43
CA ASP B 81 16.85 -14.97 -0.05
C ASP B 81 17.15 -13.48 0.01
N VAL B 82 17.75 -13.07 1.13
CA VAL B 82 18.10 -11.67 1.37
C VAL B 82 19.11 -11.17 0.35
N GLU B 83 19.96 -12.07 -0.13
CA GLU B 83 20.94 -11.72 -1.13
C GLU B 83 20.21 -11.45 -2.45
N TRP B 84 19.26 -12.32 -2.82
CA TRP B 84 18.47 -12.13 -4.05
C TRP B 84 17.70 -10.82 -3.99
N LEU B 85 17.06 -10.57 -2.84
CA LEU B 85 16.30 -9.34 -2.66
C LEU B 85 17.21 -8.12 -2.81
N GLY B 86 18.42 -8.21 -2.24
CA GLY B 86 19.39 -7.11 -2.32
C GLY B 86 19.97 -6.85 -3.70
N ASN B 87 19.71 -7.74 -4.66
CA ASN B 87 20.19 -7.59 -6.02
C ASN B 87 19.07 -7.20 -6.97
N ALA B 88 17.85 -7.17 -6.45
CA ALA B 88 16.68 -6.85 -7.27
C ALA B 88 16.49 -5.38 -7.59
N ASP B 89 16.00 -5.13 -8.79
CA ASP B 89 15.69 -3.77 -9.21
C ASP B 89 14.23 -3.48 -8.83
N LEU B 90 13.43 -4.54 -8.73
CA LEU B 90 12.03 -4.42 -8.36
C LEU B 90 11.64 -5.62 -7.50
N ILE B 91 11.07 -5.33 -6.33
CA ILE B 91 10.63 -6.36 -5.42
C ILE B 91 9.11 -6.22 -5.35
N LEU B 92 8.41 -7.32 -5.61
CA LEU B 92 6.96 -7.35 -5.56
C LEU B 92 6.49 -8.40 -4.56
N TYR B 93 5.71 -7.95 -3.59
CA TYR B 93 5.17 -8.86 -2.59
C TYR B 93 3.69 -8.52 -2.39
N ASN B 94 2.97 -9.39 -1.69
CA ASN B 94 1.55 -9.18 -1.51
C ASN B 94 1.18 -8.02 -0.59
N GLY B 95 1.78 -8.02 0.59
CA GLY B 95 1.43 -7.00 1.55
C GLY B 95 0.27 -7.56 2.35
N LEU B 96 -0.47 -6.68 3.04
CA LEU B 96 -1.59 -7.08 3.87
C LEU B 96 -1.13 -8.08 4.93
N HIS B 97 0.14 -7.99 5.29
CA HIS B 97 0.79 -8.85 6.28
C HIS B 97 0.69 -10.34 5.96
N LEU B 98 0.76 -10.69 4.68
CA LEU B 98 0.73 -12.09 4.28
C LEU B 98 2.07 -12.74 4.68
N GLU B 99 3.15 -12.10 4.24
CA GLU B 99 4.51 -12.57 4.50
C GLU B 99 4.90 -12.05 5.88
N THR B 100 4.29 -12.63 6.92
CA THR B 100 4.48 -12.19 8.30
C THR B 100 5.89 -12.08 8.87
N LYS B 101 6.79 -12.93 8.41
CA LYS B 101 8.14 -12.89 8.93
C LYS B 101 9.11 -12.05 8.13
N MET B 102 8.61 -11.36 7.10
CA MET B 102 9.48 -10.58 6.21
C MET B 102 9.33 -9.07 6.26
N GLY B 103 8.55 -8.57 7.21
CA GLY B 103 8.33 -7.13 7.31
C GLY B 103 9.60 -6.30 7.44
N GLU B 104 10.48 -6.68 8.37
CA GLU B 104 11.74 -5.98 8.62
C GLU B 104 12.70 -6.15 7.44
N VAL B 105 12.66 -7.32 6.79
CA VAL B 105 13.51 -7.57 5.63
C VAL B 105 13.17 -6.57 4.51
N PHE B 106 11.89 -6.41 4.18
CA PHE B 106 11.48 -5.46 3.13
C PHE B 106 11.75 -4.02 3.54
N SER B 107 11.60 -3.75 4.84
CA SER B 107 11.82 -2.43 5.38
C SER B 107 13.26 -2.00 5.07
N LYS B 108 14.22 -2.86 5.38
CA LYS B 108 15.62 -2.56 5.12
C LYS B 108 15.94 -2.35 3.63
N LEU B 109 15.08 -2.85 2.75
CA LEU B 109 15.32 -2.75 1.31
C LEU B 109 14.74 -1.53 0.60
N ARG B 110 13.81 -0.85 1.26
CA ARG B 110 13.23 0.35 0.66
C ARG B 110 14.27 1.45 0.64
N GLY B 111 14.23 2.28 -0.40
CA GLY B 111 15.17 3.37 -0.52
C GLY B 111 16.23 3.15 -1.58
N SER B 112 16.53 1.89 -1.86
CA SER B 112 17.56 1.57 -2.85
C SER B 112 17.02 0.92 -4.13
N ARG B 113 15.74 0.61 -4.14
CA ARG B 113 15.11 -0.02 -5.30
C ARG B 113 13.60 0.15 -5.17
N LEU B 114 12.86 -0.23 -6.21
CA LEU B 114 11.40 -0.16 -6.15
C LEU B 114 10.90 -1.38 -5.38
N VAL B 115 10.11 -1.15 -4.32
CA VAL B 115 9.55 -2.23 -3.51
C VAL B 115 8.05 -1.94 -3.46
N VAL B 116 7.23 -2.86 -3.97
CA VAL B 116 5.79 -2.64 -4.02
C VAL B 116 4.95 -3.77 -3.43
N ALA B 117 4.11 -3.43 -2.45
CA ALA B 117 3.19 -4.40 -1.85
C ALA B 117 1.97 -4.24 -2.78
N VAL B 118 1.90 -5.10 -3.79
CA VAL B 118 0.84 -5.01 -4.80
C VAL B 118 -0.59 -5.00 -4.30
N SER B 119 -0.88 -5.77 -3.27
CA SER B 119 -2.23 -5.82 -2.74
C SER B 119 -2.61 -4.65 -1.83
N GLU B 120 -1.64 -3.79 -1.50
CA GLU B 120 -1.92 -2.63 -0.68
C GLU B 120 -2.62 -1.57 -1.55
N THR B 121 -2.59 -1.74 -2.88
CA THR B 121 -3.27 -0.79 -3.77
C THR B 121 -4.80 -1.05 -3.78
N ILE B 122 -5.22 -2.15 -3.19
CA ILE B 122 -6.65 -2.46 -3.10
C ILE B 122 -7.26 -1.50 -2.06
N PRO B 123 -8.33 -0.77 -2.41
CA PRO B 123 -8.95 0.17 -1.47
C PRO B 123 -9.27 -0.51 -0.15
N VAL B 124 -9.00 0.21 0.95
CA VAL B 124 -9.24 -0.31 2.29
C VAL B 124 -10.66 -0.86 2.47
N SER B 125 -11.64 -0.18 1.88
CA SER B 125 -13.05 -0.57 1.98
C SER B 125 -13.32 -1.95 1.40
N GLN B 126 -12.53 -2.36 0.41
CA GLN B 126 -12.71 -3.66 -0.20
C GLN B 126 -11.93 -4.80 0.48
N ARG B 127 -11.12 -4.47 1.48
CA ARG B 127 -10.36 -5.47 2.21
C ARG B 127 -11.24 -6.04 3.31
N LEU B 128 -11.03 -7.30 3.66
CA LEU B 128 -11.78 -7.92 4.74
C LEU B 128 -10.98 -7.71 6.01
N SER B 129 -11.64 -7.18 7.01
CA SER B 129 -11.03 -6.91 8.29
C SER B 129 -11.41 -8.04 9.24
N LEU B 130 -10.47 -8.49 10.03
CA LEU B 130 -10.71 -9.57 10.98
C LEU B 130 -10.66 -8.96 12.38
N GLU B 131 -11.83 -8.74 12.97
CA GLU B 131 -11.94 -8.17 14.31
C GLU B 131 -11.29 -6.78 14.55
N GLU B 132 -11.41 -5.89 13.56
CA GLU B 132 -10.82 -4.55 13.63
C GLU B 132 -9.34 -4.58 13.99
N ALA B 133 -8.61 -5.63 13.59
CA ALA B 133 -7.20 -5.73 13.95
C ALA B 133 -6.24 -6.29 12.90
N GLU B 134 -6.79 -6.84 11.82
CA GLU B 134 -5.95 -7.41 10.76
C GLU B 134 -6.70 -7.51 9.46
N PHE B 135 -6.01 -7.31 8.35
CA PHE B 135 -6.68 -7.47 7.06
C PHE B 135 -6.43 -8.89 6.57
N ASP B 136 -7.43 -9.47 5.93
CA ASP B 136 -7.29 -10.81 5.36
C ASP B 136 -6.43 -10.59 4.09
N PRO B 137 -5.29 -11.29 3.98
CA PRO B 137 -4.43 -11.11 2.81
C PRO B 137 -4.76 -11.91 1.52
N HIS B 138 -5.68 -12.88 1.62
CA HIS B 138 -6.01 -13.76 0.48
C HIS B 138 -6.86 -13.18 -0.63
N VAL B 139 -6.48 -12.00 -1.10
CA VAL B 139 -7.21 -11.28 -2.13
C VAL B 139 -7.24 -11.94 -3.51
N TRP B 140 -6.32 -12.88 -3.75
CA TRP B 140 -6.25 -13.55 -5.05
C TRP B 140 -7.43 -14.48 -5.35
N PHE B 141 -8.26 -14.76 -4.34
CA PHE B 141 -9.42 -15.63 -4.56
C PHE B 141 -10.72 -14.93 -4.97
N ASP B 142 -10.62 -13.62 -5.20
CA ASP B 142 -11.72 -12.85 -5.74
C ASP B 142 -11.00 -12.31 -6.98
N VAL B 143 -11.23 -12.94 -8.14
CA VAL B 143 -10.55 -12.55 -9.37
C VAL B 143 -10.65 -11.07 -9.72
N LYS B 144 -11.82 -10.47 -9.51
CA LYS B 144 -12.01 -9.06 -9.79
C LYS B 144 -11.11 -8.21 -8.90
N LEU B 145 -11.04 -8.59 -7.63
CA LEU B 145 -10.22 -7.86 -6.66
C LEU B 145 -8.75 -8.03 -6.99
N TRP B 146 -8.36 -9.24 -7.39
CA TRP B 146 -6.98 -9.52 -7.73
C TRP B 146 -6.50 -8.67 -8.91
N SER B 147 -7.44 -8.18 -9.74
CA SER B 147 -7.06 -7.36 -10.88
C SER B 147 -6.35 -6.07 -10.41
N TYR B 148 -6.61 -5.63 -9.17
CA TYR B 148 -5.91 -4.46 -8.67
C TYR B 148 -4.42 -4.80 -8.53
N SER B 149 -4.16 -5.97 -7.93
CA SER B 149 -2.79 -6.43 -7.70
C SER B 149 -2.04 -6.65 -9.01
N VAL B 150 -2.74 -7.22 -9.98
CA VAL B 150 -2.16 -7.47 -11.29
C VAL B 150 -1.84 -6.13 -11.97
N LYS B 151 -2.73 -5.15 -11.79
CA LYS B 151 -2.52 -3.82 -12.35
C LYS B 151 -1.28 -3.18 -11.69
N ALA B 152 -1.09 -3.42 -10.40
CA ALA B 152 0.08 -2.87 -9.70
C ALA B 152 1.38 -3.50 -10.25
N VAL B 153 1.35 -4.80 -10.56
CA VAL B 153 2.51 -5.51 -11.12
C VAL B 153 2.83 -4.88 -12.49
N TYR B 154 1.80 -4.72 -13.33
CA TYR B 154 1.95 -4.10 -14.64
C TYR B 154 2.56 -2.68 -14.55
N GLU B 155 1.95 -1.85 -13.70
CA GLU B 155 2.40 -0.47 -13.52
C GLU B 155 3.80 -0.35 -12.92
N SER B 156 4.16 -1.28 -12.04
CA SER B 156 5.50 -1.29 -11.45
C SER B 156 6.52 -1.66 -12.54
N LEU B 157 6.16 -2.60 -13.42
CA LEU B 157 7.04 -3.01 -14.50
C LEU B 157 7.26 -1.86 -15.47
N CYS B 158 6.22 -1.05 -15.70
CA CYS B 158 6.36 0.11 -16.59
C CYS B 158 7.29 1.17 -15.98
N LYS B 159 7.32 1.26 -14.65
CA LYS B 159 8.22 2.21 -13.97
C LYS B 159 9.65 1.70 -14.12
N LEU B 160 9.81 0.38 -14.05
CA LEU B 160 11.11 -0.26 -14.17
C LEU B 160 11.69 -0.12 -15.57
N LEU B 161 10.86 -0.36 -16.59
CA LEU B 161 11.28 -0.27 -17.99
C LEU B 161 10.28 0.54 -18.78
N PRO B 162 10.31 1.88 -18.65
CA PRO B 162 9.39 2.76 -19.36
C PRO B 162 9.43 2.53 -20.89
N GLY B 163 10.61 2.16 -21.40
CA GLY B 163 10.77 1.92 -22.83
C GLY B 163 9.98 0.73 -23.33
N LYS B 164 9.52 -0.11 -22.41
CA LYS B 164 8.75 -1.30 -22.75
C LYS B 164 7.25 -1.14 -22.46
N THR B 165 6.81 0.08 -22.18
CA THR B 165 5.41 0.35 -21.85
C THR B 165 4.38 -0.20 -22.82
N ARG B 166 4.64 -0.09 -24.13
CA ARG B 166 3.70 -0.56 -25.12
C ARG B 166 3.48 -2.07 -25.10
N GLU B 167 4.56 -2.84 -25.15
CA GLU B 167 4.41 -4.30 -25.12
C GLU B 167 3.86 -4.76 -23.78
N PHE B 168 4.30 -4.12 -22.69
CA PHE B 168 3.80 -4.47 -21.36
C PHE B 168 2.29 -4.26 -21.35
N THR B 169 1.83 -3.16 -21.96
CA THR B 169 0.41 -2.85 -22.02
C THR B 169 -0.37 -3.88 -22.86
N GLN B 170 0.20 -4.31 -23.98
CA GLN B 170 -0.47 -5.29 -24.83
C GLN B 170 -0.60 -6.63 -24.08
N ARG B 171 0.48 -7.05 -23.42
CA ARG B 171 0.49 -8.31 -22.70
C ARG B 171 -0.44 -8.26 -21.48
N TYR B 172 -0.42 -7.13 -20.79
CA TYR B 172 -1.27 -6.92 -19.62
C TYR B 172 -2.76 -6.97 -20.00
N GLN B 173 -3.13 -6.29 -21.08
CA GLN B 173 -4.53 -6.30 -21.51
C GLN B 173 -4.98 -7.71 -21.88
N ALA B 174 -4.11 -8.48 -22.51
CA ALA B 174 -4.44 -9.85 -22.87
C ALA B 174 -4.61 -10.67 -21.59
N TYR B 175 -3.67 -10.53 -20.66
CA TYR B 175 -3.73 -11.26 -19.39
C TYR B 175 -5.00 -10.90 -18.59
N GLN B 176 -5.35 -9.62 -18.58
CA GLN B 176 -6.52 -9.17 -17.86
C GLN B 176 -7.80 -9.77 -18.47
N GLN B 177 -7.80 -10.00 -19.78
CA GLN B 177 -8.96 -10.59 -20.45
C GLN B 177 -9.11 -12.02 -19.99
N GLN B 178 -7.98 -12.71 -19.80
CA GLN B 178 -8.01 -14.09 -19.30
C GLN B 178 -8.61 -14.08 -17.92
N LEU B 179 -8.22 -13.12 -17.09
CA LEU B 179 -8.73 -13.02 -15.72
C LEU B 179 -10.23 -12.73 -15.73
N ASP B 180 -10.69 -11.90 -16.67
CA ASP B 180 -12.12 -11.59 -16.77
C ASP B 180 -12.86 -12.87 -17.06
N LYS B 181 -12.35 -13.66 -17.99
CA LYS B 181 -12.96 -14.94 -18.34
C LYS B 181 -12.93 -15.91 -17.16
N LEU B 182 -11.83 -15.88 -16.40
CA LEU B 182 -11.69 -16.76 -15.24
C LEU B 182 -12.77 -16.42 -14.21
N ASP B 183 -12.95 -15.12 -13.95
CA ASP B 183 -13.94 -14.66 -12.98
C ASP B 183 -15.33 -15.16 -13.36
N ALA B 184 -15.70 -14.96 -14.61
CA ALA B 184 -16.99 -15.39 -15.13
C ALA B 184 -17.15 -16.90 -15.02
N TYR B 185 -16.08 -17.64 -15.31
CA TYR B 185 -16.11 -19.09 -15.23
C TYR B 185 -16.34 -19.58 -13.81
N VAL B 186 -15.58 -19.05 -12.87
CA VAL B 186 -15.70 -19.43 -11.45
C VAL B 186 -17.12 -19.17 -10.98
N ARG B 187 -17.67 -18.02 -11.38
CA ARG B 187 -19.01 -17.64 -10.98
C ARG B 187 -20.08 -18.61 -11.54
N ARG B 188 -19.92 -19.06 -12.78
CA ARG B 188 -20.87 -20.00 -13.39
C ARG B 188 -20.78 -21.34 -12.67
N LYS B 189 -19.56 -21.81 -12.44
CA LYS B 189 -19.34 -23.09 -11.76
C LYS B 189 -19.93 -23.05 -10.36
N ALA B 190 -19.79 -21.90 -9.70
CA ALA B 190 -20.31 -21.72 -8.35
C ALA B 190 -21.85 -21.79 -8.37
N GLN B 191 -22.43 -21.07 -9.33
CA GLN B 191 -23.88 -21.03 -9.50
C GLN B 191 -24.48 -22.38 -9.92
N SER B 192 -23.64 -23.28 -10.44
CA SER B 192 -24.11 -24.59 -10.86
C SER B 192 -24.30 -25.50 -9.64
N LEU B 193 -23.84 -25.01 -8.49
CA LEU B 193 -23.95 -25.74 -7.24
C LEU B 193 -25.13 -25.15 -6.43
N PRO B 194 -26.01 -26.03 -5.91
CA PRO B 194 -27.17 -25.62 -5.12
C PRO B 194 -26.70 -24.75 -3.95
N ALA B 195 -27.35 -23.61 -3.75
CA ALA B 195 -26.97 -22.66 -2.69
C ALA B 195 -26.66 -23.29 -1.35
N GLU B 196 -27.38 -24.36 -1.01
CA GLU B 196 -27.19 -25.07 0.27
C GLU B 196 -25.93 -25.91 0.31
N ARG B 197 -25.44 -26.31 -0.85
CA ARG B 197 -24.21 -27.12 -0.94
C ARG B 197 -22.93 -26.28 -1.01
N ARG B 198 -23.08 -24.96 -1.06
CA ARG B 198 -21.93 -24.05 -1.13
C ARG B 198 -21.31 -23.77 0.23
N VAL B 199 -20.88 -24.82 0.91
CA VAL B 199 -20.23 -24.69 2.22
C VAL B 199 -18.85 -25.34 2.07
N LEU B 200 -17.81 -24.51 2.16
CA LEU B 200 -16.42 -24.92 1.98
C LEU B 200 -15.54 -24.94 3.24
N VAL B 201 -15.14 -26.14 3.67
CA VAL B 201 -14.28 -26.29 4.85
C VAL B 201 -12.91 -26.77 4.35
N THR B 202 -11.87 -26.03 4.72
CA THR B 202 -10.50 -26.31 4.25
C THR B 202 -9.45 -26.33 5.37
N ALA B 203 -8.20 -26.59 5.00
CA ALA B 203 -7.06 -26.64 5.95
C ALA B 203 -6.90 -25.35 6.75
N HIS B 204 -7.07 -24.20 6.09
CA HIS B 204 -7.03 -22.93 6.80
C HIS B 204 -7.98 -21.91 6.16
N ASP B 205 -8.28 -20.85 6.88
CA ASP B 205 -9.23 -19.83 6.45
C ASP B 205 -8.67 -18.90 5.37
N ALA B 206 -8.46 -19.46 4.18
CA ALA B 206 -7.88 -18.73 3.05
C ALA B 206 -8.87 -18.31 1.99
N PHE B 207 -10.13 -18.68 2.15
CA PHE B 207 -11.14 -18.39 1.13
C PHE B 207 -12.20 -17.34 1.49
N GLY B 208 -11.85 -16.40 2.36
CA GLY B 208 -12.76 -15.34 2.74
C GLY B 208 -13.19 -14.46 1.58
N TYR B 209 -12.28 -14.16 0.66
CA TYR B 209 -12.62 -13.33 -0.48
C TYR B 209 -13.42 -14.15 -1.49
N PHE B 210 -13.10 -15.44 -1.57
CA PHE B 210 -13.79 -16.40 -2.45
C PHE B 210 -15.25 -16.51 -1.96
N SER B 211 -15.41 -16.56 -0.65
CA SER B 211 -16.72 -16.63 -0.01
C SER B 211 -17.60 -15.46 -0.44
N ARG B 212 -17.08 -14.24 -0.30
CA ARG B 212 -17.80 -13.03 -0.66
C ARG B 212 -18.09 -12.88 -2.15
N ALA B 213 -17.10 -13.19 -2.98
CA ALA B 213 -17.28 -13.04 -4.41
C ALA B 213 -18.17 -14.09 -5.08
N TYR B 214 -18.10 -15.35 -4.63
CA TYR B 214 -18.84 -16.43 -5.29
C TYR B 214 -19.95 -17.13 -4.54
N GLY B 215 -20.31 -16.60 -3.38
CA GLY B 215 -21.41 -17.16 -2.61
C GLY B 215 -21.20 -18.45 -1.83
N PHE B 216 -20.06 -18.57 -1.16
CA PHE B 216 -19.78 -19.76 -0.37
C PHE B 216 -19.69 -19.40 1.10
N GLU B 217 -20.01 -20.37 1.94
CA GLU B 217 -19.91 -20.21 3.37
C GLU B 217 -18.58 -20.91 3.63
N VAL B 218 -17.63 -20.25 4.29
CA VAL B 218 -16.31 -20.86 4.49
C VAL B 218 -15.83 -20.97 5.92
N LYS B 219 -15.04 -22.02 6.17
CA LYS B 219 -14.45 -22.26 7.49
C LYS B 219 -13.10 -22.96 7.25
N GLY B 220 -12.12 -22.67 8.10
CA GLY B 220 -10.83 -23.32 7.97
C GLY B 220 -10.45 -23.92 9.31
N LEU B 221 -9.69 -25.02 9.31
CA LEU B 221 -9.27 -25.63 10.58
C LEU B 221 -8.33 -24.65 11.27
N GLN B 222 -7.29 -24.20 10.56
CA GLN B 222 -6.40 -23.16 11.10
C GLN B 222 -7.05 -21.82 10.70
N GLY B 223 -6.58 -20.72 11.29
CA GLY B 223 -7.13 -19.41 10.97
C GLY B 223 -6.71 -18.82 9.64
N VAL B 224 -6.86 -17.51 9.53
CA VAL B 224 -6.49 -16.79 8.32
C VAL B 224 -4.97 -16.91 8.15
N SER B 225 -4.25 -16.88 9.26
CA SER B 225 -2.82 -17.07 9.25
C SER B 225 -2.57 -18.45 9.85
N THR B 226 -1.56 -19.13 9.30
CA THR B 226 -1.19 -20.46 9.76
C THR B 226 -0.13 -20.37 10.86
N ALA B 227 0.19 -19.15 11.29
CA ALA B 227 1.20 -18.94 12.33
C ALA B 227 0.94 -19.76 13.59
N SER B 228 -0.33 -19.87 14.00
CA SER B 228 -0.70 -20.64 15.17
C SER B 228 -1.37 -21.93 14.78
N GLU B 229 -1.09 -22.98 15.54
CA GLU B 229 -1.69 -24.28 15.27
C GLU B 229 -3.14 -24.23 15.73
N ALA B 230 -3.96 -25.11 15.18
CA ALA B 230 -5.36 -25.18 15.59
C ALA B 230 -5.35 -25.84 16.97
N SER B 231 -6.16 -25.33 17.90
CA SER B 231 -6.24 -25.93 19.22
C SER B 231 -7.20 -27.13 19.15
N ALA B 232 -7.26 -27.91 20.22
CA ALA B 232 -8.15 -29.06 20.23
C ALA B 232 -9.60 -28.56 20.23
N HIS B 233 -9.83 -27.39 20.83
CA HIS B 233 -11.17 -26.81 20.87
C HIS B 233 -11.58 -26.36 19.46
N ASP B 234 -10.61 -25.80 18.72
CA ASP B 234 -10.84 -25.35 17.34
C ASP B 234 -11.31 -26.54 16.52
N MET B 235 -10.63 -27.66 16.67
CA MET B 235 -10.99 -28.85 15.91
C MET B 235 -12.33 -29.44 16.31
N GLN B 236 -12.67 -29.44 17.60
CA GLN B 236 -13.94 -29.99 18.02
C GLN B 236 -15.11 -29.13 17.54
N GLU B 237 -14.91 -27.82 17.53
CA GLU B 237 -15.95 -26.90 17.07
C GLU B 237 -16.21 -27.07 15.57
N LEU B 238 -15.16 -27.27 14.80
CA LEU B 238 -15.31 -27.42 13.35
C LEU B 238 -15.90 -28.77 12.99
N ALA B 239 -15.50 -29.81 13.73
CA ALA B 239 -16.02 -31.17 13.53
C ALA B 239 -17.52 -31.16 13.84
N ALA B 240 -17.88 -30.41 14.89
CA ALA B 240 -19.25 -30.27 15.29
C ALA B 240 -20.01 -29.58 14.16
N PHE B 241 -19.39 -28.56 13.57
CA PHE B 241 -20.00 -27.82 12.48
C PHE B 241 -20.22 -28.73 11.27
N ILE B 242 -19.20 -29.50 10.91
CA ILE B 242 -19.28 -30.39 9.74
C ILE B 242 -20.34 -31.47 9.89
N ALA B 243 -20.41 -32.08 11.06
CA ALA B 243 -21.39 -33.13 11.34
C ALA B 243 -22.80 -32.55 11.34
N GLN B 244 -22.98 -31.44 12.07
CA GLN B 244 -24.26 -30.74 12.20
C GLN B 244 -24.84 -30.34 10.86
N ARG B 245 -23.98 -29.81 9.98
CA ARG B 245 -24.39 -29.35 8.67
C ARG B 245 -24.43 -30.49 7.63
N LYS B 246 -23.99 -31.68 8.04
CA LYS B 246 -23.99 -32.87 7.18
C LYS B 246 -23.27 -32.66 5.85
N LEU B 247 -22.10 -32.02 5.88
CA LEU B 247 -21.32 -31.73 4.67
C LEU B 247 -20.77 -32.99 4.00
N PRO B 248 -20.82 -33.05 2.67
CA PRO B 248 -20.31 -34.22 1.93
C PRO B 248 -18.78 -34.34 1.96
N ALA B 249 -18.09 -33.22 1.84
CA ALA B 249 -16.63 -33.24 1.85
C ALA B 249 -15.96 -32.00 2.44
N ILE B 250 -14.70 -32.19 2.83
CA ILE B 250 -13.84 -31.12 3.35
C ILE B 250 -12.53 -31.26 2.55
N PHE B 251 -11.70 -30.22 2.55
CA PHE B 251 -10.49 -30.26 1.74
C PHE B 251 -9.14 -30.04 2.42
N ILE B 252 -8.13 -30.67 1.86
CA ILE B 252 -6.76 -30.51 2.34
C ILE B 252 -6.15 -29.47 1.39
N GLU B 253 -4.98 -28.95 1.74
CA GLU B 253 -4.31 -27.96 0.92
C GLU B 253 -2.86 -28.34 0.64
N SER B 254 -2.29 -27.78 -0.42
CA SER B 254 -0.94 -28.08 -0.82
C SER B 254 0.18 -27.47 0.03
N SER B 255 -0.16 -26.60 0.97
CA SER B 255 0.84 -25.95 1.80
C SER B 255 0.72 -26.19 3.31
N ILE B 256 -0.15 -27.11 3.69
CA ILE B 256 -0.36 -27.44 5.10
C ILE B 256 -0.38 -28.97 5.24
N PRO B 257 0.29 -29.52 6.28
CA PRO B 257 0.34 -30.97 6.52
C PRO B 257 -1.07 -31.56 6.50
N HIS B 258 -1.30 -32.53 5.62
CA HIS B 258 -2.61 -33.17 5.46
C HIS B 258 -3.15 -33.83 6.72
N LYS B 259 -2.25 -34.36 7.53
CA LYS B 259 -2.59 -35.03 8.77
C LYS B 259 -3.61 -34.29 9.63
N ASN B 260 -3.60 -32.96 9.56
CA ASN B 260 -4.50 -32.15 10.35
C ASN B 260 -5.98 -32.21 9.95
N VAL B 261 -6.27 -32.04 8.66
CA VAL B 261 -7.65 -32.12 8.17
C VAL B 261 -8.12 -33.58 8.25
N GLU B 262 -7.17 -34.52 8.15
CA GLU B 262 -7.50 -35.94 8.25
C GLU B 262 -7.97 -36.26 9.67
N ALA B 263 -7.31 -35.65 10.65
CA ALA B 263 -7.67 -35.83 12.05
C ALA B 263 -9.06 -35.20 12.28
N LEU B 264 -9.34 -34.13 11.55
CA LEU B 264 -10.63 -33.44 11.62
C LEU B 264 -11.70 -34.39 11.09
N ARG B 265 -11.38 -35.06 9.98
CA ARG B 265 -12.29 -36.02 9.37
C ARG B 265 -12.61 -37.15 10.35
N ASP B 266 -11.60 -37.59 11.10
CA ASP B 266 -11.81 -38.65 12.07
C ASP B 266 -12.65 -38.15 13.23
N ALA B 267 -12.44 -36.89 13.63
CA ALA B 267 -13.20 -36.29 14.71
C ALA B 267 -14.68 -36.19 14.29
N VAL B 268 -14.92 -35.94 13.00
CA VAL B 268 -16.29 -35.83 12.44
C VAL B 268 -16.94 -37.21 12.48
N GLN B 269 -16.17 -38.24 12.14
CA GLN B 269 -16.68 -39.61 12.14
C GLN B 269 -17.03 -40.04 13.56
N ALA B 270 -16.24 -39.60 14.54
CA ALA B 270 -16.49 -39.92 15.93
C ALA B 270 -17.85 -39.36 16.38
N ARG B 271 -18.43 -38.45 15.59
CA ARG B 271 -19.73 -37.86 15.89
C ARG B 271 -20.87 -38.44 15.05
N GLY B 272 -20.65 -39.62 14.47
CA GLY B 272 -21.67 -40.26 13.67
C GLY B 272 -21.87 -39.77 12.24
N HIS B 273 -20.97 -38.94 11.73
CA HIS B 273 -21.12 -38.44 10.36
C HIS B 273 -19.91 -38.83 9.51
N VAL B 274 -20.18 -39.35 8.32
CA VAL B 274 -19.12 -39.74 7.41
C VAL B 274 -18.90 -38.57 6.46
N VAL B 275 -17.68 -38.06 6.44
CA VAL B 275 -17.32 -36.95 5.57
C VAL B 275 -16.04 -37.37 4.85
N GLN B 276 -15.98 -37.04 3.56
CA GLN B 276 -14.83 -37.38 2.74
C GLN B 276 -13.89 -36.20 2.54
N ILE B 277 -12.66 -36.51 2.18
CA ILE B 277 -11.69 -35.48 1.83
C ILE B 277 -11.88 -35.36 0.31
N GLY B 278 -12.52 -34.27 -0.11
CA GLY B 278 -12.85 -34.04 -1.50
C GLY B 278 -11.77 -33.71 -2.50
N GLY B 279 -10.55 -33.52 -2.03
CA GLY B 279 -9.48 -33.18 -2.93
C GLY B 279 -8.51 -32.24 -2.24
N GLU B 280 -7.47 -31.85 -2.96
CA GLU B 280 -6.47 -30.95 -2.42
C GLU B 280 -6.59 -29.64 -3.16
N LEU B 281 -6.62 -28.54 -2.41
CA LEU B 281 -6.74 -27.22 -3.01
C LEU B 281 -5.43 -26.44 -2.89
N PHE B 282 -5.26 -25.46 -3.77
CA PHE B 282 -4.10 -24.59 -3.73
C PHE B 282 -4.59 -23.33 -3.03
N SER B 283 -4.12 -23.09 -1.81
CA SER B 283 -4.53 -21.90 -1.05
C SER B 283 -3.51 -20.77 -1.14
N ASP B 284 -2.32 -20.98 -0.57
CA ASP B 284 -1.26 -19.97 -0.57
C ASP B 284 -0.20 -20.15 -1.65
N ALA B 285 -0.21 -21.30 -2.32
CA ALA B 285 0.78 -21.59 -3.34
C ALA B 285 0.16 -22.29 -4.53
N MET B 286 0.83 -22.18 -5.68
CA MET B 286 0.34 -22.81 -6.90
C MET B 286 0.96 -24.19 -7.10
N GLY B 287 0.57 -24.86 -8.17
CA GLY B 287 1.10 -26.19 -8.47
C GLY B 287 2.48 -26.14 -9.09
N ASP B 288 2.99 -27.30 -9.50
CA ASP B 288 4.32 -27.40 -10.09
C ASP B 288 4.48 -26.69 -11.43
N ALA B 289 5.71 -26.26 -11.71
CA ALA B 289 6.01 -25.58 -12.96
C ALA B 289 5.74 -26.52 -14.13
N GLY B 290 5.27 -25.94 -15.24
CA GLY B 290 4.97 -26.74 -16.40
C GLY B 290 3.53 -27.20 -16.46
N THR B 291 2.90 -27.36 -15.30
CA THR B 291 1.50 -27.80 -15.24
C THR B 291 0.59 -26.57 -15.26
N SER B 292 -0.67 -26.77 -15.67
CA SER B 292 -1.60 -25.64 -15.71
C SER B 292 -1.87 -25.13 -14.29
N GLU B 293 -1.77 -26.03 -13.31
CA GLU B 293 -1.96 -25.67 -11.91
C GLU B 293 -0.82 -24.77 -11.43
N GLY B 294 0.25 -24.71 -12.22
CA GLY B 294 1.39 -23.89 -11.91
C GLY B 294 1.22 -22.47 -12.44
N THR B 295 0.00 -22.13 -12.84
CA THR B 295 -0.33 -20.80 -13.33
C THR B 295 -1.47 -20.30 -12.46
N TYR B 296 -1.67 -18.98 -12.41
CA TYR B 296 -2.75 -18.44 -11.58
C TYR B 296 -4.11 -18.90 -12.09
N VAL B 297 -4.34 -18.78 -13.38
CA VAL B 297 -5.60 -19.19 -13.98
C VAL B 297 -5.86 -20.68 -13.75
N GLY B 298 -4.82 -21.50 -13.89
CA GLY B 298 -4.96 -22.94 -13.69
C GLY B 298 -5.18 -23.30 -12.24
N MET B 299 -4.56 -22.56 -11.34
CA MET B 299 -4.68 -22.78 -9.89
C MET B 299 -6.14 -22.57 -9.46
N VAL B 300 -6.70 -21.43 -9.86
CA VAL B 300 -8.09 -21.10 -9.53
C VAL B 300 -9.05 -22.07 -10.20
N THR B 301 -8.81 -22.38 -11.47
CA THR B 301 -9.66 -23.31 -12.20
C THR B 301 -9.69 -24.67 -11.50
N HIS B 302 -8.52 -25.14 -11.07
CA HIS B 302 -8.42 -26.40 -10.35
C HIS B 302 -9.26 -26.36 -9.09
N ASN B 303 -9.12 -25.28 -8.32
CA ASN B 303 -9.87 -25.14 -7.07
C ASN B 303 -11.38 -25.19 -7.26
N ILE B 304 -11.92 -24.38 -8.16
CA ILE B 304 -13.37 -24.37 -8.35
C ILE B 304 -13.89 -25.72 -8.88
N ASP B 305 -13.16 -26.33 -9.81
CA ASP B 305 -13.57 -27.61 -10.37
C ASP B 305 -13.58 -28.68 -9.28
N THR B 306 -12.51 -28.72 -8.49
CA THR B 306 -12.37 -29.68 -7.42
C THR B 306 -13.47 -29.50 -6.37
N ILE B 307 -13.75 -28.26 -6.01
CA ILE B 307 -14.76 -27.96 -5.01
C ILE B 307 -16.14 -28.38 -5.49
N VAL B 308 -16.52 -27.90 -6.67
CA VAL B 308 -17.83 -28.21 -7.25
C VAL B 308 -18.04 -29.72 -7.41
N ALA B 309 -17.03 -30.44 -7.91
CA ALA B 309 -17.13 -31.88 -8.09
C ALA B 309 -17.38 -32.62 -6.78
N ALA B 310 -16.70 -32.20 -5.72
CA ALA B 310 -16.85 -32.83 -4.42
C ALA B 310 -18.12 -32.47 -3.66
N LEU B 311 -18.59 -31.23 -3.83
CA LEU B 311 -19.78 -30.76 -3.13
C LEU B 311 -21.11 -31.06 -3.83
N ALA B 312 -21.06 -31.36 -5.13
CA ALA B 312 -22.27 -31.67 -5.90
C ALA B 312 -22.97 -33.00 -5.60
N ARG B 313 -24.04 -33.26 -6.37
CA ARG B 313 -24.92 -34.44 -6.28
C ARG B 313 -26.07 -34.35 -5.25
ZN ZN C . 10.10 15.97 2.41
C1 GOL D . -11.82 9.68 -4.07
O1 GOL D . -12.39 10.74 -4.41
C2 GOL D . -10.29 8.79 -4.59
O2 GOL D . -10.01 9.55 -5.92
C3 GOL D . -10.46 7.43 -5.01
O3 GOL D . -10.90 6.79 -6.49
ZN ZN E . -2.94 -18.36 3.72
C1 GOL F . -8.35 -2.91 -13.75
O1 GOL F . -9.01 -3.63 -14.23
C2 GOL F . -8.33 -2.57 -11.62
O2 GOL F . -9.77 -2.74 -11.32
C3 GOL F . -8.22 -1.20 -11.15
O3 GOL F . -9.20 -0.26 -11.09
#